data_4JYG
#
_entry.id   4JYG
#
_cell.length_a   58.240
_cell.length_b   84.830
_cell.length_c   108.420
_cell.angle_alpha   90.00
_cell.angle_beta   90.00
_cell.angle_gamma   90.00
#
_symmetry.space_group_name_H-M   'P 21 21 21'
#
loop_
_entity.id
_entity.type
_entity.pdbx_description
1 polymer 'Retinoic acid receptor beta'
2 polymer 'Steroid Receptor Coactivator 1'
3 non-polymer '4-{[(5,5-dimethyl-8-phenyl-5,6-dihydronaphthalen-2-yl)carbonyl]amino}benzoic acid'
4 non-polymer 2-{2-[2-(2-{2-[2-(2-ETHOXY-ETHOXY)-ETHOXY]-ETHOXY}-ETHOXY)-ETHOXY]-ETHOXY}-ETHANOL
5 non-polymer 'CITRATE ANION'
6 water water
#
loop_
_entity_poly.entity_id
_entity_poly.type
_entity_poly.pdbx_seq_one_letter_code
_entity_poly.pdbx_strand_id
1 'polypeptide(L)'
;MGSSHHHHHHSSGLVPRGSHMESYEMTAELDDLTEKIRKAHQETFPSLCQLGKYTTNSSADHRVRLDLGLWDKFSELATK
CIIKIVEFAKRLPGFTGLTIADQITLLKAACLDILILRICTRYTPEQDTMTFSDGLTLNRTQMHNAGFGPLTDLVFTFAN
QLLPLEMDDTETGLLSAICLICGDRQDLEEPTKVDKLQEPLLEALKIYIRKRRPSKPHMFPKILMKITDLRSISAKGAER
VITLKMEIPGSMPPLIQEMMENSEGHE
;
A,B
2 'polypeptide(L)' RHKILHRLLQEGS F,G
#
# COMPACT_ATOMS: atom_id res chain seq x y z
N SER A 23 2.29 29.40 23.52
CA SER A 23 3.10 28.18 23.53
C SER A 23 2.25 26.94 23.81
N TYR A 24 1.17 26.82 23.05
CA TYR A 24 0.36 25.61 22.98
C TYR A 24 1.25 24.37 22.97
N GLU A 25 0.94 23.44 23.85
CA GLU A 25 1.85 22.32 24.15
C GLU A 25 2.10 21.37 22.97
N MET A 26 1.04 20.86 22.37
CA MET A 26 1.19 19.87 21.31
C MET A 26 1.92 20.45 20.09
N THR A 27 1.70 21.74 19.82
CA THR A 27 2.41 22.40 18.73
C THR A 27 3.90 22.30 18.97
N ALA A 28 4.32 22.66 20.18
CA ALA A 28 5.73 22.64 20.55
C ALA A 28 6.32 21.25 20.39
N GLU A 29 5.59 20.24 20.88
CA GLU A 29 6.05 18.86 20.80
C GLU A 29 6.16 18.38 19.35
N LEU A 30 5.22 18.82 18.52
CA LEU A 30 5.19 18.40 17.12
C LEU A 30 6.30 19.05 16.29
N ASP A 31 6.54 20.34 16.52
CA ASP A 31 7.67 21.03 15.89
C ASP A 31 8.98 20.35 16.27
N ASP A 32 9.12 20.03 17.55
CA ASP A 32 10.29 19.33 18.06
C ASP A 32 10.48 18.00 17.33
N LEU A 33 9.41 17.23 17.24
CA LEU A 33 9.42 15.96 16.52
C LEU A 33 9.80 16.16 15.04
N THR A 34 9.26 17.22 14.46
CA THR A 34 9.50 17.53 13.05
C THR A 34 10.97 17.82 12.80
N GLU A 35 11.53 18.72 13.58
CA GLU A 35 12.94 19.09 13.45
C GLU A 35 13.85 17.89 13.64
N LYS A 36 13.52 17.03 14.60
CA LYS A 36 14.36 15.90 14.93
C LYS A 36 14.41 14.90 13.77
N ILE A 37 13.31 14.77 13.05
CA ILE A 37 13.22 13.83 11.93
C ILE A 37 13.84 14.39 10.65
N ARG A 38 13.63 15.68 10.40
CA ARG A 38 14.31 16.35 9.31
C ARG A 38 15.81 16.15 9.47
N LYS A 39 16.29 16.34 10.68
CA LYS A 39 17.70 16.21 10.99
C LYS A 39 18.19 14.78 10.79
N ALA A 40 17.43 13.82 11.29
CA ALA A 40 17.80 12.42 11.18
C ALA A 40 17.89 11.99 9.72
N HIS A 41 17.04 12.59 8.88
CA HIS A 41 17.02 12.26 7.46
C HIS A 41 18.22 12.84 6.72
N GLN A 42 18.51 14.11 6.98
CA GLN A 42 19.63 14.79 6.31
C GLN A 42 20.96 14.15 6.65
N GLU A 43 21.13 13.78 7.92
CA GLU A 43 22.41 13.24 8.39
C GLU A 43 22.56 11.75 8.12
N THR A 44 21.56 11.16 7.45
CA THR A 44 21.66 9.76 7.05
C THR A 44 21.31 9.57 5.59
N PHE A 45 21.14 10.67 4.87
CA PHE A 45 20.81 10.62 3.44
C PHE A 45 21.04 11.97 2.75
N PRO A 46 22.20 12.10 2.09
CA PRO A 46 22.59 13.33 1.38
C PRO A 46 21.63 13.72 0.26
N SER A 47 21.50 15.02 0.02
CA SER A 47 20.64 15.52 -1.05
C SER A 47 21.33 15.38 -2.41
N LEU A 48 20.52 15.24 -3.44
CA LEU A 48 21.01 15.08 -4.81
C LEU A 48 21.95 16.23 -5.20
N CYS A 49 21.58 17.43 -4.79
CA CYS A 49 22.32 18.63 -5.17
C CYS A 49 23.69 18.74 -4.51
N GLN A 50 23.90 18.01 -3.42
CA GLN A 50 25.15 18.11 -2.67
C GLN A 50 26.04 16.89 -2.87
N LEU A 51 25.74 16.10 -3.88
CA LEU A 51 26.55 14.93 -4.20
C LEU A 51 27.40 15.16 -5.45
N GLY A 52 28.62 14.62 -5.43
CA GLY A 52 29.49 14.67 -6.59
C GLY A 52 29.17 13.54 -7.54
N LYS A 53 28.39 13.85 -8.58
CA LYS A 53 27.97 12.85 -9.54
C LYS A 53 29.10 12.31 -10.40
N TYR A 54 29.09 11.00 -10.62
CA TYR A 54 30.02 10.35 -11.53
C TYR A 54 29.33 9.16 -12.20
N THR A 55 29.70 8.87 -13.44
CA THR A 55 29.04 7.83 -14.20
C THR A 55 29.92 6.62 -14.46
N THR A 56 29.35 5.61 -15.11
CA THR A 56 30.10 4.44 -15.54
C THR A 56 29.57 3.99 -16.89
N ASN A 57 30.36 3.20 -17.61
CA ASN A 57 29.99 2.79 -18.96
C ASN A 57 29.48 1.36 -19.05
N SER A 58 29.45 0.67 -17.92
CA SER A 58 29.00 -0.72 -17.87
C SER A 58 27.56 -0.87 -18.38
N SER A 59 27.40 -1.70 -19.41
CA SER A 59 26.09 -1.99 -20.01
C SER A 59 25.13 -0.81 -19.91
N ALA A 60 25.53 0.32 -20.48
CA ALA A 60 24.74 1.53 -20.38
C ALA A 60 23.80 1.72 -21.56
N ASP A 61 24.03 0.95 -22.63
CA ASP A 61 23.31 1.16 -23.88
C ASP A 61 22.21 0.13 -24.15
N HIS A 62 22.33 -1.06 -23.57
CA HIS A 62 21.33 -2.09 -23.78
C HIS A 62 21.05 -2.92 -22.52
N ARG A 63 19.81 -3.35 -22.37
CA ARG A 63 19.40 -4.14 -21.22
C ARG A 63 19.87 -5.59 -21.31
N VAL A 64 20.38 -6.11 -20.20
CA VAL A 64 20.77 -7.51 -20.09
C VAL A 64 20.07 -8.09 -18.87
N ARG A 65 20.06 -9.41 -18.75
CA ARG A 65 19.45 -10.04 -17.58
C ARG A 65 20.08 -9.50 -16.29
N LEU A 66 21.40 -9.55 -16.23
CA LEU A 66 22.12 -9.08 -15.05
C LEU A 66 23.57 -8.71 -15.37
N ASP A 67 23.98 -7.52 -14.96
CA ASP A 67 25.38 -7.11 -15.03
C ASP A 67 26.02 -7.36 -13.68
N LEU A 68 26.81 -8.42 -13.58
CA LEU A 68 27.40 -8.81 -12.30
C LEU A 68 28.22 -7.69 -11.66
N GLY A 69 28.89 -6.90 -12.50
CA GLY A 69 29.66 -5.77 -12.00
C GLY A 69 28.78 -4.71 -11.38
N LEU A 70 27.69 -4.39 -12.05
CA LEU A 70 26.73 -3.41 -11.55
C LEU A 70 26.03 -3.94 -10.30
N TRP A 71 25.72 -5.23 -10.30
CA TRP A 71 25.10 -5.82 -9.12
C TRP A 71 25.96 -5.58 -7.90
N ASP A 72 27.24 -5.92 -8.01
CA ASP A 72 28.15 -5.81 -6.88
C ASP A 72 28.14 -4.39 -6.31
N LYS A 73 28.36 -3.41 -7.18
CA LYS A 73 28.38 -2.03 -6.73
C LYS A 73 27.03 -1.60 -6.18
N PHE A 74 25.96 -1.99 -6.86
CA PHE A 74 24.60 -1.67 -6.45
C PHE A 74 24.31 -2.21 -5.05
N SER A 75 24.46 -3.51 -4.88
CA SER A 75 24.17 -4.17 -3.61
C SER A 75 25.07 -3.65 -2.49
N GLU A 76 26.27 -3.22 -2.84
CA GLU A 76 27.18 -2.65 -1.86
C GLU A 76 26.64 -1.32 -1.36
N LEU A 77 26.19 -0.49 -2.29
CA LEU A 77 25.61 0.80 -1.93
C LEU A 77 24.29 0.63 -1.17
N ALA A 78 23.48 -0.34 -1.59
CA ALA A 78 22.24 -0.65 -0.90
C ALA A 78 22.51 -1.07 0.55
N THR A 79 23.51 -1.92 0.73
CA THR A 79 23.90 -2.37 2.07
C THR A 79 24.26 -1.19 2.95
N LYS A 80 25.02 -0.25 2.39
CA LYS A 80 25.43 0.93 3.13
C LYS A 80 24.26 1.87 3.39
N CYS A 81 23.25 1.80 2.53
CA CYS A 81 22.04 2.59 2.76
C CYS A 81 21.22 1.97 3.88
N ILE A 82 21.15 0.64 3.88
CA ILE A 82 20.41 -0.07 4.93
C ILE A 82 21.02 0.27 6.28
N ILE A 83 22.33 0.40 6.34
CA ILE A 83 23.01 0.78 7.58
C ILE A 83 22.56 2.17 8.01
N LYS A 84 22.49 3.09 7.05
CA LYS A 84 22.00 4.44 7.32
C LYS A 84 20.54 4.40 7.79
N ILE A 85 19.75 3.54 7.17
CA ILE A 85 18.34 3.42 7.52
C ILE A 85 18.18 3.01 8.98
N VAL A 86 19.00 2.05 9.39
CA VAL A 86 19.04 1.63 10.79
C VAL A 86 19.36 2.80 11.73
N GLU A 87 20.39 3.58 11.38
CA GLU A 87 20.77 4.74 12.18
C GLU A 87 19.65 5.76 12.23
N PHE A 88 18.87 5.83 11.16
CA PHE A 88 17.74 6.75 11.07
C PHE A 88 16.62 6.34 12.03
N ALA A 89 16.35 5.04 12.07
CA ALA A 89 15.32 4.50 12.93
C ALA A 89 15.66 4.80 14.39
N LYS A 90 16.92 4.56 14.75
CA LYS A 90 17.38 4.75 16.12
C LYS A 90 17.27 6.21 16.58
N ARG A 91 17.14 7.13 15.64
CA ARG A 91 16.95 8.54 15.97
C ARG A 91 15.48 8.95 16.04
N LEU A 92 14.60 8.04 15.63
CA LEU A 92 13.16 8.31 15.65
C LEU A 92 12.61 8.20 17.07
N PRO A 93 11.99 9.27 17.58
CA PRO A 93 11.47 9.30 18.94
C PRO A 93 10.68 8.05 19.28
N GLY A 94 11.09 7.37 20.35
CA GLY A 94 10.37 6.22 20.86
C GLY A 94 10.77 4.88 20.24
N PHE A 95 11.48 4.92 19.12
CA PHE A 95 11.83 3.69 18.41
C PHE A 95 12.65 2.73 19.25
N THR A 96 13.68 3.25 19.92
CA THR A 96 14.51 2.41 20.79
C THR A 96 13.79 2.13 22.10
N GLY A 97 12.54 2.57 22.19
CA GLY A 97 11.70 2.27 23.34
C GLY A 97 10.85 1.04 23.09
N LEU A 98 10.79 0.63 21.83
CA LEU A 98 10.06 -0.59 21.47
C LEU A 98 10.89 -1.81 21.87
N THR A 99 10.29 -3.00 21.81
CA THR A 99 11.04 -4.21 22.10
C THR A 99 12.05 -4.48 20.99
N ILE A 100 13.07 -5.29 21.30
CA ILE A 100 14.09 -5.60 20.32
C ILE A 100 13.47 -6.28 19.11
N ALA A 101 12.65 -7.29 19.35
CA ALA A 101 12.01 -8.02 18.26
C ALA A 101 11.20 -7.10 17.35
N ASP A 102 10.47 -6.16 17.95
CA ASP A 102 9.66 -5.22 17.17
C ASP A 102 10.52 -4.22 16.39
N GLN A 103 11.64 -3.82 16.96
CA GLN A 103 12.56 -2.93 16.27
C GLN A 103 13.10 -3.61 15.03
N ILE A 104 13.54 -4.86 15.20
CA ILE A 104 13.98 -5.70 14.10
C ILE A 104 12.88 -5.89 13.06
N THR A 105 11.69 -6.25 13.54
CA THR A 105 10.55 -6.54 12.67
C THR A 105 10.17 -5.32 11.84
N LEU A 106 10.04 -4.17 12.48
CA LEU A 106 9.73 -2.94 11.77
C LEU A 106 10.78 -2.62 10.71
N LEU A 107 12.06 -2.74 11.09
CA LEU A 107 13.15 -2.47 10.15
C LEU A 107 13.08 -3.35 8.89
N LYS A 108 12.85 -4.65 9.09
CA LYS A 108 12.77 -5.58 7.97
C LYS A 108 11.58 -5.33 7.04
N ALA A 109 10.44 -4.95 7.61
CA ALA A 109 9.21 -4.80 6.84
C ALA A 109 9.16 -3.46 6.12
N ALA A 110 10.02 -2.54 6.55
CA ALA A 110 10.08 -1.21 5.95
C ALA A 110 11.35 -0.99 5.12
N CYS A 111 12.21 -1.99 5.06
CA CYS A 111 13.48 -1.85 4.37
C CYS A 111 13.30 -1.42 2.91
N LEU A 112 12.60 -2.24 2.14
CA LEU A 112 12.33 -1.93 0.74
C LEU A 112 11.60 -0.61 0.57
N ASP A 113 10.59 -0.36 1.40
CA ASP A 113 9.83 0.88 1.32
C ASP A 113 10.75 2.08 1.27
N ILE A 114 11.73 2.10 2.18
CA ILE A 114 12.64 3.23 2.33
C ILE A 114 13.72 3.21 1.26
N LEU A 115 14.20 2.03 0.89
CA LEU A 115 15.15 1.91 -0.21
C LEU A 115 14.56 2.46 -1.49
N ILE A 116 13.30 2.10 -1.76
CA ILE A 116 12.57 2.64 -2.91
C ILE A 116 12.47 4.15 -2.81
N LEU A 117 11.83 4.63 -1.73
CA LEU A 117 11.62 6.07 -1.54
C LEU A 117 12.92 6.84 -1.69
N ARG A 118 13.97 6.39 -1.01
CA ARG A 118 15.25 7.09 -1.01
C ARG A 118 15.85 7.22 -2.41
N ILE A 119 15.87 6.13 -3.17
CA ILE A 119 16.47 6.16 -4.50
C ILE A 119 15.61 6.95 -5.48
N CYS A 120 14.30 6.99 -5.23
CA CYS A 120 13.38 7.70 -6.11
C CYS A 120 13.40 9.21 -5.87
N THR A 121 14.00 9.63 -4.77
CA THR A 121 14.17 11.05 -4.50
C THR A 121 15.50 11.54 -5.07
N ARG A 122 16.31 10.59 -5.53
CA ARG A 122 17.59 10.89 -6.16
C ARG A 122 17.48 10.80 -7.68
N TYR A 123 16.30 11.11 -8.21
CA TYR A 123 16.04 10.98 -9.64
C TYR A 123 16.28 12.28 -10.39
N THR A 124 16.96 12.19 -11.52
CA THR A 124 17.19 13.34 -12.38
C THR A 124 16.55 13.13 -13.74
N PRO A 125 15.50 13.92 -14.04
CA PRO A 125 14.61 13.72 -15.19
C PRO A 125 15.26 13.92 -16.56
N GLU A 126 16.22 14.82 -16.69
CA GLU A 126 16.86 15.05 -17.99
C GLU A 126 17.72 13.87 -18.41
N GLN A 127 18.55 13.39 -17.49
CA GLN A 127 19.45 12.28 -17.77
C GLN A 127 18.76 10.93 -17.57
N ASP A 128 17.58 10.96 -16.96
CA ASP A 128 16.85 9.73 -16.66
C ASP A 128 17.74 8.84 -15.78
N THR A 129 18.22 9.41 -14.68
CA THR A 129 19.18 8.72 -13.82
C THR A 129 18.79 8.75 -12.34
N MET A 130 19.38 7.84 -11.58
CA MET A 130 19.26 7.84 -10.12
C MET A 130 20.65 7.83 -9.51
N THR A 131 20.85 8.64 -8.48
CA THR A 131 22.18 8.80 -7.89
C THR A 131 22.30 8.22 -6.49
N PHE A 132 23.26 7.33 -6.31
CA PHE A 132 23.53 6.74 -5.02
C PHE A 132 24.33 7.71 -4.14
N SER A 133 24.57 7.33 -2.89
CA SER A 133 25.12 8.25 -1.90
C SER A 133 26.62 8.48 -2.03
N ASP A 134 27.30 7.62 -2.78
CA ASP A 134 28.72 7.82 -3.06
C ASP A 134 28.88 8.70 -4.30
N GLY A 135 27.75 9.04 -4.91
CA GLY A 135 27.74 9.91 -6.07
C GLY A 135 27.41 9.17 -7.36
N LEU A 136 27.50 7.85 -7.33
CA LEU A 136 27.29 7.03 -8.51
C LEU A 136 25.96 7.36 -9.17
N THR A 137 26.00 7.61 -10.47
CA THR A 137 24.79 7.94 -11.22
C THR A 137 24.58 6.99 -12.40
N LEU A 138 23.49 6.23 -12.34
CA LEU A 138 23.18 5.24 -13.36
C LEU A 138 21.93 5.64 -14.14
N ASN A 139 21.95 5.36 -15.45
CA ASN A 139 20.75 5.57 -16.25
C ASN A 139 19.75 4.43 -16.05
N ARG A 140 18.59 4.54 -16.68
CA ARG A 140 17.52 3.56 -16.50
C ARG A 140 17.95 2.14 -16.86
N THR A 141 18.72 2.00 -17.93
CA THR A 141 19.17 0.70 -18.39
C THR A 141 20.12 0.03 -17.40
N GLN A 142 21.01 0.82 -16.82
CA GLN A 142 21.96 0.32 -15.83
C GLN A 142 21.25 -0.02 -14.51
N MET A 143 20.23 0.75 -14.14
CA MET A 143 19.42 0.41 -12.99
C MET A 143 18.78 -0.96 -13.21
N HIS A 144 18.23 -1.17 -14.40
CA HIS A 144 17.67 -2.46 -14.77
C HIS A 144 18.72 -3.56 -14.66
N ASN A 145 19.86 -3.36 -15.32
CA ASN A 145 20.92 -4.37 -15.37
C ASN A 145 21.54 -4.64 -14.01
N ALA A 146 21.47 -3.65 -13.11
CA ALA A 146 21.99 -3.81 -11.77
C ALA A 146 21.12 -4.74 -10.92
N GLY A 147 19.84 -4.83 -11.26
CA GLY A 147 18.94 -5.67 -10.49
C GLY A 147 17.46 -5.36 -10.56
N PHE A 148 17.11 -4.10 -10.84
CA PHE A 148 15.69 -3.72 -10.93
C PHE A 148 14.91 -4.64 -11.87
N GLY A 149 15.54 -5.00 -12.99
CA GLY A 149 14.92 -5.90 -13.95
C GLY A 149 13.55 -5.44 -14.40
N PRO A 150 12.56 -6.33 -14.36
CA PRO A 150 11.18 -6.07 -14.79
C PRO A 150 10.47 -4.97 -14.01
N LEU A 151 11.01 -4.53 -12.88
CA LEU A 151 10.36 -3.48 -12.10
C LEU A 151 10.84 -2.08 -12.49
N THR A 152 11.88 -2.03 -13.31
CA THR A 152 12.55 -0.79 -13.65
C THR A 152 11.58 0.34 -14.03
N ASP A 153 10.74 0.10 -15.04
CA ASP A 153 9.83 1.14 -15.51
C ASP A 153 8.83 1.58 -14.45
N LEU A 154 8.32 0.62 -13.68
CA LEU A 154 7.40 0.91 -12.60
C LEU A 154 8.03 1.90 -11.61
N VAL A 155 9.25 1.58 -11.18
CA VAL A 155 9.96 2.42 -10.22
C VAL A 155 10.24 3.82 -10.76
N PHE A 156 10.68 3.90 -12.03
CA PHE A 156 10.95 5.20 -12.64
C PHE A 156 9.67 6.03 -12.80
N THR A 157 8.60 5.38 -13.21
CA THR A 157 7.29 6.05 -13.29
C THR A 157 6.92 6.70 -11.96
N PHE A 158 7.18 6.00 -10.87
CA PHE A 158 6.89 6.53 -9.53
C PHE A 158 7.82 7.68 -9.16
N ALA A 159 9.04 7.64 -9.66
CA ALA A 159 10.00 8.71 -9.41
C ALA A 159 9.56 10.00 -10.09
N ASN A 160 8.88 9.87 -11.23
CA ASN A 160 8.37 11.03 -11.97
C ASN A 160 7.15 11.66 -11.33
N GLN A 161 6.24 10.83 -10.84
CA GLN A 161 5.04 11.33 -10.18
C GLN A 161 5.41 12.01 -8.88
N LEU A 162 6.61 11.71 -8.37
CA LEU A 162 7.06 12.23 -7.08
C LEU A 162 7.70 13.61 -7.21
N LEU A 163 8.46 13.81 -8.29
CA LEU A 163 9.20 15.06 -8.49
C LEU A 163 8.38 16.34 -8.37
N PRO A 164 7.20 16.38 -9.02
CA PRO A 164 6.41 17.62 -8.93
C PRO A 164 6.02 17.96 -7.49
N LEU A 165 5.91 16.95 -6.63
CA LEU A 165 5.56 17.19 -5.23
C LEU A 165 6.56 18.09 -4.54
N GLU A 166 7.77 18.18 -5.11
CA GLU A 166 8.83 19.02 -4.56
CA GLU A 166 8.80 19.04 -4.55
C GLU A 166 9.04 18.75 -3.08
N MET A 167 9.00 17.47 -2.70
CA MET A 167 9.18 17.07 -1.32
C MET A 167 10.56 17.44 -0.80
N ASP A 168 10.62 17.91 0.44
CA ASP A 168 11.90 18.22 1.07
C ASP A 168 12.29 17.16 2.09
N ASP A 169 13.34 17.42 2.85
CA ASP A 169 13.85 16.45 3.81
C ASP A 169 12.87 16.18 4.95
N THR A 170 12.10 17.20 5.31
CA THR A 170 11.13 17.07 6.39
C THR A 170 10.00 16.13 5.97
N GLU A 171 9.49 16.34 4.77
CA GLU A 171 8.39 15.52 4.26
C GLU A 171 8.86 14.10 3.96
N THR A 172 9.98 13.98 3.27
CA THR A 172 10.54 12.68 2.95
C THR A 172 10.92 11.89 4.20
N GLY A 173 11.48 12.59 5.18
CA GLY A 173 11.84 11.97 6.45
C GLY A 173 10.62 11.52 7.23
N LEU A 174 9.62 12.38 7.31
CA LEU A 174 8.38 12.02 7.99
C LEU A 174 7.70 10.86 7.27
N LEU A 175 7.77 10.86 5.94
CA LEU A 175 7.15 9.79 5.16
C LEU A 175 7.87 8.47 5.46
N SER A 176 9.18 8.54 5.64
CA SER A 176 9.96 7.35 5.94
C SER A 176 9.69 6.86 7.36
N ALA A 177 9.56 7.81 8.29
CA ALA A 177 9.24 7.47 9.67
C ALA A 177 7.91 6.74 9.75
N ILE A 178 6.94 7.22 8.97
CA ILE A 178 5.61 6.63 8.95
C ILE A 178 5.61 5.21 8.39
N CYS A 179 6.38 5.00 7.32
CA CYS A 179 6.54 3.65 6.76
C CYS A 179 7.17 2.74 7.79
N LEU A 180 8.09 3.29 8.56
CA LEU A 180 8.87 2.53 9.51
C LEU A 180 8.07 2.17 10.77
N ILE A 181 7.49 3.19 11.40
CA ILE A 181 6.68 2.99 12.60
C ILE A 181 5.24 2.69 12.20
N CYS A 182 5.00 1.42 11.87
CA CYS A 182 3.73 0.96 11.34
C CYS A 182 3.16 -0.15 12.22
N GLY A 183 2.05 0.14 12.90
CA GLY A 183 1.45 -0.81 13.82
C GLY A 183 0.76 -1.98 13.15
N ASP A 184 0.68 -1.96 11.83
CA ASP A 184 -0.05 -2.99 11.11
C ASP A 184 0.86 -4.09 10.53
N ARG A 185 2.14 -4.04 10.88
CA ARG A 185 3.09 -5.04 10.43
C ARG A 185 2.82 -6.39 11.08
N GLN A 186 3.15 -7.45 10.36
CA GLN A 186 2.97 -8.81 10.83
C GLN A 186 3.88 -9.11 12.02
N ASP A 187 3.35 -9.81 13.01
CA ASP A 187 4.15 -10.36 14.11
C ASP A 187 4.75 -9.33 15.06
N LEU A 188 4.10 -8.19 15.21
CA LEU A 188 4.53 -7.23 16.21
C LEU A 188 4.12 -7.69 17.61
N GLU A 189 4.99 -7.44 18.59
CA GLU A 189 4.71 -7.79 19.99
C GLU A 189 3.83 -6.72 20.64
N GLU A 190 4.01 -5.48 20.21
CA GLU A 190 3.28 -4.37 20.80
C GLU A 190 2.71 -3.45 19.71
N PRO A 191 1.80 -3.98 18.88
CA PRO A 191 1.21 -3.20 17.80
C PRO A 191 0.58 -1.90 18.30
N THR A 192 -0.12 -1.96 19.43
CA THR A 192 -0.74 -0.78 20.01
C THR A 192 0.30 0.31 20.29
N LYS A 193 1.39 -0.07 20.94
CA LYS A 193 2.45 0.88 21.25
C LYS A 193 3.02 1.51 19.98
N VAL A 194 3.31 0.67 18.98
CA VAL A 194 3.82 1.15 17.70
C VAL A 194 2.81 2.06 17.01
N ASP A 195 1.56 1.62 17.00
CA ASP A 195 0.48 2.34 16.35
C ASP A 195 0.32 3.75 16.93
N LYS A 196 0.34 3.85 18.26
CA LYS A 196 0.21 5.14 18.93
C LYS A 196 1.43 6.00 18.68
N LEU A 197 2.57 5.35 18.49
CA LEU A 197 3.83 6.04 18.22
C LEU A 197 3.79 6.73 16.86
N GLN A 198 2.95 6.20 15.97
CA GLN A 198 2.83 6.70 14.60
C GLN A 198 1.93 7.92 14.52
N GLU A 199 1.01 8.06 15.47
CA GLU A 199 0.00 9.11 15.45
C GLU A 199 0.56 10.52 15.37
N PRO A 200 1.57 10.85 16.20
CA PRO A 200 2.14 12.20 16.13
C PRO A 200 2.90 12.42 14.81
N LEU A 201 3.42 11.36 14.20
CA LEU A 201 4.08 11.47 12.91
C LEU A 201 3.08 11.94 11.84
N LEU A 202 1.87 11.38 11.90
CA LEU A 202 0.83 11.73 10.94
C LEU A 202 0.43 13.19 11.09
N GLU A 203 0.34 13.63 12.34
CA GLU A 203 -0.08 14.99 12.64
C GLU A 203 0.99 16.00 12.22
N ALA A 204 2.24 15.69 12.55
CA ALA A 204 3.36 16.54 12.16
C ALA A 204 3.39 16.73 10.65
N LEU A 205 3.17 15.65 9.91
CA LEU A 205 3.16 15.71 8.46
C LEU A 205 2.05 16.64 7.95
N LYS A 206 0.84 16.45 8.48
CA LYS A 206 -0.30 17.26 8.07
C LYS A 206 -0.03 18.74 8.33
N ILE A 207 0.37 19.05 9.55
CA ILE A 207 0.68 20.41 9.95
C ILE A 207 1.81 21.01 9.12
N TYR A 208 2.88 20.25 8.93
CA TYR A 208 4.00 20.74 8.13
C TYR A 208 3.57 21.03 6.70
N ILE A 209 2.85 20.10 6.10
CA ILE A 209 2.34 20.28 4.74
C ILE A 209 1.46 21.52 4.63
N ARG A 210 0.59 21.72 5.62
CA ARG A 210 -0.31 22.86 5.60
C ARG A 210 0.43 24.17 5.84
N LYS A 211 1.39 24.13 6.75
CA LYS A 211 2.23 25.30 7.02
C LYS A 211 3.10 25.66 5.82
N ARG A 212 3.42 24.65 5.01
CA ARG A 212 4.34 24.83 3.90
C ARG A 212 3.63 25.08 2.57
N ARG A 213 2.43 24.53 2.43
CA ARG A 213 1.69 24.62 1.17
C ARG A 213 0.25 25.09 1.40
N PRO A 214 0.07 26.32 1.87
CA PRO A 214 -1.28 26.85 2.11
C PRO A 214 -2.06 26.96 0.81
N SER A 215 -1.34 27.18 -0.29
CA SER A 215 -1.96 27.35 -1.60
C SER A 215 -2.79 26.13 -2.01
N LYS A 216 -2.17 24.96 -1.98
CA LYS A 216 -2.85 23.73 -2.37
C LYS A 216 -3.33 22.94 -1.16
N PRO A 217 -4.65 22.87 -0.96
CA PRO A 217 -5.22 22.04 0.10
C PRO A 217 -5.44 20.63 -0.40
N HIS A 218 -5.66 19.68 0.52
CA HIS A 218 -5.77 18.28 0.18
C HIS A 218 -4.42 17.69 -0.21
N MET A 219 -3.35 18.44 0.05
CA MET A 219 -2.00 17.96 -0.24
C MET A 219 -1.54 16.92 0.77
N PHE A 220 -2.16 16.94 1.94
CA PHE A 220 -1.83 15.96 2.97
C PHE A 220 -2.20 14.55 2.53
N PRO A 221 -3.44 14.34 2.05
CA PRO A 221 -3.76 13.01 1.51
C PRO A 221 -2.86 12.65 0.32
N LYS A 222 -2.68 13.60 -0.59
CA LYS A 222 -1.89 13.36 -1.80
C LYS A 222 -0.49 12.85 -1.47
N ILE A 223 0.26 13.63 -0.69
CA ILE A 223 1.60 13.25 -0.28
C ILE A 223 1.58 11.98 0.58
N LEU A 224 0.68 11.96 1.56
CA LEU A 224 0.61 10.84 2.50
C LEU A 224 0.35 9.51 1.80
N MET A 225 -0.44 9.54 0.73
CA MET A 225 -0.84 8.32 0.05
C MET A 225 0.17 7.84 -0.98
N LYS A 226 1.29 8.54 -1.12
CA LYS A 226 2.38 8.03 -1.94
C LYS A 226 2.96 6.78 -1.28
N ILE A 227 2.64 6.58 0.00
CA ILE A 227 3.07 5.38 0.69
C ILE A 227 2.36 4.16 0.11
N THR A 228 1.19 4.40 -0.46
CA THR A 228 0.46 3.35 -1.17
C THR A 228 1.32 2.76 -2.29
N ASP A 229 1.91 3.64 -3.10
CA ASP A 229 2.83 3.24 -4.16
C ASP A 229 4.02 2.47 -3.61
N LEU A 230 4.54 2.92 -2.47
CA LEU A 230 5.70 2.28 -1.86
C LEU A 230 5.43 0.82 -1.46
N ARG A 231 4.28 0.58 -0.83
CA ARG A 231 3.89 -0.76 -0.41
C ARG A 231 3.67 -1.67 -1.61
N SER A 232 3.07 -1.11 -2.66
CA SER A 232 2.86 -1.86 -3.89
C SER A 232 4.18 -2.29 -4.52
N ILE A 233 5.07 -1.32 -4.73
CA ILE A 233 6.37 -1.61 -5.33
C ILE A 233 7.20 -2.51 -4.43
N SER A 234 7.04 -2.32 -3.12
CA SER A 234 7.78 -3.11 -2.14
C SER A 234 7.35 -4.57 -2.16
N ALA A 235 6.05 -4.81 -2.31
CA ALA A 235 5.54 -6.17 -2.43
C ALA A 235 6.16 -6.85 -3.64
N LYS A 236 6.12 -6.15 -4.77
CA LYS A 236 6.75 -6.64 -5.99
C LYS A 236 8.26 -6.77 -5.79
N GLY A 237 8.83 -5.81 -5.06
CA GLY A 237 10.25 -5.83 -4.75
C GLY A 237 10.69 -7.13 -4.13
N ALA A 238 9.96 -7.58 -3.11
CA ALA A 238 10.28 -8.81 -2.41
C ALA A 238 10.24 -10.01 -3.34
N GLU A 239 9.38 -9.94 -4.35
CA GLU A 239 9.29 -11.00 -5.33
C GLU A 239 10.51 -10.92 -6.24
N ARG A 240 10.82 -9.71 -6.66
CA ARG A 240 12.00 -9.46 -7.47
C ARG A 240 13.25 -10.04 -6.81
N VAL A 241 13.38 -9.85 -5.50
CA VAL A 241 14.57 -10.33 -4.79
C VAL A 241 14.71 -11.84 -4.85
N ILE A 242 13.58 -12.55 -4.79
CA ILE A 242 13.61 -14.01 -4.89
C ILE A 242 14.16 -14.43 -6.25
N THR A 243 13.71 -13.76 -7.30
CA THR A 243 14.18 -14.04 -8.64
C THR A 243 15.68 -13.81 -8.76
N LEU A 244 16.15 -12.70 -8.18
CA LEU A 244 17.57 -12.39 -8.18
C LEU A 244 18.40 -13.44 -7.45
N LYS A 245 17.87 -13.97 -6.35
CA LYS A 245 18.58 -14.99 -5.59
C LYS A 245 19.09 -16.12 -6.49
N MET A 246 18.27 -16.51 -7.46
CA MET A 246 18.64 -17.61 -8.36
C MET A 246 19.34 -17.14 -9.64
N GLU A 247 19.36 -15.83 -9.86
CA GLU A 247 20.06 -15.28 -11.02
C GLU A 247 21.53 -15.00 -10.71
N ILE A 248 21.78 -14.45 -9.53
CA ILE A 248 23.14 -14.10 -9.12
C ILE A 248 23.94 -15.35 -8.75
N PRO A 249 25.11 -15.52 -9.39
CA PRO A 249 26.03 -16.62 -9.08
C PRO A 249 26.79 -16.38 -7.78
N GLY A 250 26.05 -16.29 -6.69
CA GLY A 250 26.62 -16.04 -5.38
C GLY A 250 25.55 -15.54 -4.44
N SER A 251 25.86 -15.43 -3.16
CA SER A 251 24.91 -14.93 -2.18
C SER A 251 24.88 -13.40 -2.22
N MET A 252 23.77 -12.82 -1.79
CA MET A 252 23.69 -11.38 -1.62
C MET A 252 24.44 -11.00 -0.35
N PRO A 253 24.80 -9.71 -0.21
CA PRO A 253 25.42 -9.24 1.03
C PRO A 253 24.60 -9.69 2.23
N PRO A 254 25.28 -10.21 3.27
CA PRO A 254 24.63 -10.81 4.44
C PRO A 254 23.55 -9.94 5.08
N LEU A 255 23.81 -8.64 5.19
CA LEU A 255 22.85 -7.72 5.78
C LEU A 255 21.55 -7.71 4.98
N ILE A 256 21.68 -7.66 3.66
CA ILE A 256 20.52 -7.70 2.77
C ILE A 256 19.78 -9.02 2.92
N GLN A 257 20.52 -10.11 3.06
CA GLN A 257 19.93 -11.41 3.29
C GLN A 257 18.99 -11.33 4.49
N GLU A 258 19.53 -10.81 5.59
CA GLU A 258 18.80 -10.74 6.85
C GLU A 258 17.57 -9.84 6.75
N MET A 259 17.71 -8.74 6.03
CA MET A 259 16.59 -7.80 5.88
C MET A 259 15.45 -8.38 5.05
N MET A 260 15.80 -9.28 4.13
CA MET A 260 14.82 -9.84 3.19
C MET A 260 14.20 -11.14 3.69
N GLU A 261 14.72 -11.66 4.80
CA GLU A 261 14.13 -12.86 5.39
C GLU A 261 12.72 -12.58 5.89
N GLU B 22 -21.62 27.18 18.14
CA GLU B 22 -20.77 26.48 17.16
C GLU B 22 -20.46 25.05 17.63
N SER B 23 -20.67 24.09 16.74
CA SER B 23 -20.35 22.69 17.02
C SER B 23 -19.82 22.03 15.75
N TYR B 24 -20.66 21.98 14.72
CA TYR B 24 -20.25 21.59 13.38
C TYR B 24 -20.87 22.57 12.39
N GLU B 25 -20.11 22.98 11.38
CA GLU B 25 -20.65 23.89 10.37
C GLU B 25 -21.48 23.12 9.34
N MET B 26 -22.18 23.86 8.49
CA MET B 26 -23.05 23.27 7.47
C MET B 26 -22.26 22.77 6.27
N THR B 27 -22.56 21.56 5.82
CA THR B 27 -21.93 20.98 4.64
C THR B 27 -22.96 20.19 3.83
N ALA B 28 -23.91 20.90 3.25
CA ALA B 28 -25.05 20.27 2.57
C ALA B 28 -24.65 19.32 1.45
N GLU B 29 -23.82 19.79 0.51
CA GLU B 29 -23.44 18.96 -0.63
C GLU B 29 -22.72 17.68 -0.23
N LEU B 30 -21.74 17.80 0.66
CA LEU B 30 -20.94 16.65 1.07
C LEU B 30 -21.74 15.66 1.89
N ASP B 31 -22.72 16.17 2.65
CA ASP B 31 -23.65 15.32 3.39
C ASP B 31 -24.44 14.47 2.40
N ASP B 32 -24.86 15.10 1.32
CA ASP B 32 -25.62 14.44 0.28
C ASP B 32 -24.77 13.40 -0.45
N LEU B 33 -23.59 13.82 -0.88
CA LEU B 33 -22.65 12.91 -1.53
C LEU B 33 -22.39 11.70 -0.65
N THR B 34 -22.15 11.95 0.64
CA THR B 34 -21.89 10.90 1.60
C THR B 34 -23.04 9.89 1.65
N GLU B 35 -24.27 10.39 1.52
CA GLU B 35 -25.43 9.52 1.51
C GLU B 35 -25.50 8.72 0.21
N LYS B 36 -25.27 9.40 -0.91
CA LYS B 36 -25.32 8.75 -2.22
C LYS B 36 -24.30 7.62 -2.33
N ILE B 37 -23.31 7.62 -1.45
CA ILE B 37 -22.26 6.62 -1.48
C ILE B 37 -22.49 5.54 -0.42
N ARG B 38 -23.03 5.94 0.73
CA ARG B 38 -23.47 4.98 1.73
C ARG B 38 -24.52 4.07 1.13
N LYS B 39 -25.36 4.63 0.25
CA LYS B 39 -26.44 3.88 -0.38
C LYS B 39 -25.90 2.93 -1.44
N ALA B 40 -24.99 3.43 -2.27
CA ALA B 40 -24.39 2.62 -3.33
C ALA B 40 -23.68 1.40 -2.74
N HIS B 41 -23.06 1.58 -1.59
CA HIS B 41 -22.34 0.49 -0.94
C HIS B 41 -23.29 -0.53 -0.31
N GLN B 42 -24.20 -0.04 0.52
CA GLN B 42 -25.16 -0.91 1.18
C GLN B 42 -25.98 -1.74 0.19
N GLU B 43 -26.35 -1.13 -0.93
CA GLU B 43 -27.22 -1.79 -1.91
C GLU B 43 -26.45 -2.66 -2.91
N THR B 44 -25.12 -2.68 -2.80
CA THR B 44 -24.30 -3.57 -3.61
C THR B 44 -23.46 -4.48 -2.73
N PHE B 45 -23.74 -4.43 -1.42
CA PHE B 45 -22.98 -5.22 -0.46
C PHE B 45 -23.75 -5.31 0.86
N PRO B 46 -24.45 -6.43 1.07
CA PRO B 46 -25.26 -6.66 2.28
C PRO B 46 -24.41 -6.68 3.54
N SER B 47 -24.93 -6.10 4.63
CA SER B 47 -24.20 -6.10 5.89
C SER B 47 -24.19 -7.47 6.52
N LEU B 48 -23.24 -7.70 7.42
CA LEU B 48 -23.10 -8.98 8.10
C LEU B 48 -24.37 -9.34 8.88
N CYS B 49 -24.89 -8.37 9.63
CA CYS B 49 -26.08 -8.60 10.45
C CYS B 49 -27.31 -8.89 9.60
N GLN B 50 -27.29 -8.40 8.37
CA GLN B 50 -28.42 -8.58 7.46
C GLN B 50 -28.28 -9.83 6.59
N LEU B 51 -27.51 -10.80 7.07
CA LEU B 51 -27.27 -12.03 6.32
C LEU B 51 -27.63 -13.28 7.10
N GLY B 52 -28.14 -14.29 6.40
CA GLY B 52 -28.41 -15.59 6.99
C GLY B 52 -27.22 -16.52 6.81
N LYS B 53 -26.36 -16.57 7.83
CA LYS B 53 -25.15 -17.36 7.77
C LYS B 53 -25.43 -18.86 7.63
N TYR B 54 -24.49 -19.58 7.04
CA TYR B 54 -24.54 -21.04 6.98
C TYR B 54 -23.16 -21.60 6.71
N THR B 55 -22.81 -22.68 7.38
CA THR B 55 -21.47 -23.25 7.26
C THR B 55 -21.45 -24.49 6.38
N THR B 56 -20.25 -25.04 6.21
CA THR B 56 -20.06 -26.27 5.46
C THR B 56 -19.02 -27.14 6.19
N ASN B 57 -19.11 -28.45 6.01
CA ASN B 57 -18.19 -29.36 6.67
C ASN B 57 -16.94 -29.63 5.84
N SER B 58 -16.91 -29.07 4.63
CA SER B 58 -15.84 -29.37 3.69
C SER B 58 -14.48 -28.87 4.20
N SER B 59 -13.52 -29.79 4.30
CA SER B 59 -12.17 -29.50 4.79
C SER B 59 -12.13 -28.42 5.87
N ALA B 60 -12.84 -28.66 6.96
CA ALA B 60 -12.91 -27.69 8.05
C ALA B 60 -11.78 -27.89 9.06
N ASP B 61 -11.23 -29.10 9.08
CA ASP B 61 -10.28 -29.49 10.12
C ASP B 61 -8.86 -28.94 9.90
N HIS B 62 -8.31 -29.17 8.71
CA HIS B 62 -6.90 -28.88 8.47
C HIS B 62 -6.65 -28.17 7.15
N ARG B 63 -5.49 -27.53 7.06
CA ARG B 63 -5.07 -26.82 5.85
C ARG B 63 -4.72 -27.80 4.74
N VAL B 64 -5.29 -27.61 3.55
CA VAL B 64 -4.92 -28.40 2.39
C VAL B 64 -4.40 -27.50 1.28
N ARG B 65 -3.79 -28.11 0.27
CA ARG B 65 -3.28 -27.36 -0.87
C ARG B 65 -4.38 -26.52 -1.50
N LEU B 66 -5.48 -27.18 -1.86
CA LEU B 66 -6.64 -26.50 -2.41
C LEU B 66 -7.86 -27.40 -2.40
N ASP B 67 -8.94 -26.91 -1.80
CA ASP B 67 -10.20 -27.66 -1.81
C ASP B 67 -11.03 -27.20 -3.01
N LEU B 68 -11.14 -28.08 -4.01
CA LEU B 68 -11.84 -27.74 -5.24
C LEU B 68 -13.30 -27.37 -5.00
N GLY B 69 -13.94 -28.07 -4.07
CA GLY B 69 -15.31 -27.77 -3.71
C GLY B 69 -15.44 -26.34 -3.25
N LEU B 70 -14.53 -25.93 -2.37
CA LEU B 70 -14.50 -24.57 -1.84
C LEU B 70 -14.11 -23.57 -2.92
N TRP B 71 -13.13 -23.93 -3.74
CA TRP B 71 -12.70 -23.04 -4.82
C TRP B 71 -13.86 -22.72 -5.76
N ASP B 72 -14.59 -23.74 -6.18
CA ASP B 72 -15.70 -23.56 -7.09
C ASP B 72 -16.67 -22.50 -6.57
N LYS B 73 -17.04 -22.62 -5.30
CA LYS B 73 -17.98 -21.68 -4.70
C LYS B 73 -17.33 -20.32 -4.50
N PHE B 74 -16.05 -20.33 -4.10
CA PHE B 74 -15.31 -19.10 -3.89
C PHE B 74 -15.18 -18.31 -5.19
N SER B 75 -14.76 -18.99 -6.24
CA SER B 75 -14.62 -18.36 -7.55
C SER B 75 -15.95 -17.77 -8.02
N GLU B 76 -17.03 -18.51 -7.82
CA GLU B 76 -18.36 -18.06 -8.20
C GLU B 76 -18.77 -16.81 -7.43
N LEU B 77 -18.54 -16.82 -6.11
CA LEU B 77 -18.89 -15.68 -5.27
C LEU B 77 -18.00 -14.46 -5.55
N ALA B 78 -16.75 -14.72 -5.89
CA ALA B 78 -15.84 -13.65 -6.26
C ALA B 78 -16.34 -12.96 -7.52
N THR B 79 -16.69 -13.76 -8.52
CA THR B 79 -17.25 -13.26 -9.77
C THR B 79 -18.42 -12.32 -9.49
N LYS B 80 -19.39 -12.81 -8.74
CA LYS B 80 -20.56 -12.03 -8.40
C LYS B 80 -20.21 -10.73 -7.68
N CYS B 81 -19.28 -10.80 -6.72
CA CYS B 81 -18.85 -9.61 -6.02
C CYS B 81 -18.27 -8.58 -6.98
N ILE B 82 -17.47 -9.05 -7.93
CA ILE B 82 -16.91 -8.16 -8.95
C ILE B 82 -18.03 -7.48 -9.74
N ILE B 83 -19.07 -8.24 -10.06
CA ILE B 83 -20.23 -7.66 -10.73
C ILE B 83 -20.85 -6.57 -9.85
N LYS B 84 -20.90 -6.81 -8.55
CA LYS B 84 -21.40 -5.82 -7.60
C LYS B 84 -20.50 -4.59 -7.59
N ILE B 85 -19.19 -4.81 -7.69
CA ILE B 85 -18.23 -3.72 -7.66
C ILE B 85 -18.39 -2.80 -8.86
N VAL B 86 -18.62 -3.39 -10.04
CA VAL B 86 -18.89 -2.63 -11.24
C VAL B 86 -20.13 -1.77 -11.01
N GLU B 87 -21.17 -2.42 -10.48
CA GLU B 87 -22.42 -1.75 -10.16
C GLU B 87 -22.20 -0.59 -9.19
N PHE B 88 -21.40 -0.84 -8.16
CA PHE B 88 -21.12 0.18 -7.16
C PHE B 88 -20.37 1.35 -7.77
N ALA B 89 -19.49 1.05 -8.72
CA ALA B 89 -18.71 2.07 -9.41
C ALA B 89 -19.61 3.00 -10.21
N LYS B 90 -20.49 2.42 -11.02
CA LYS B 90 -21.38 3.19 -11.86
C LYS B 90 -22.32 4.09 -11.05
N ARG B 91 -22.51 3.73 -9.78
CA ARG B 91 -23.38 4.52 -8.90
C ARG B 91 -22.62 5.65 -8.21
N LEU B 92 -21.33 5.76 -8.53
CA LEU B 92 -20.51 6.84 -8.01
C LEU B 92 -20.63 8.06 -8.91
N PRO B 93 -21.06 9.19 -8.33
CA PRO B 93 -21.26 10.42 -9.10
C PRO B 93 -20.04 10.79 -9.94
N GLY B 94 -20.20 10.80 -11.26
CA GLY B 94 -19.13 11.20 -12.16
C GLY B 94 -18.45 10.05 -12.87
N PHE B 95 -18.50 8.86 -12.27
CA PHE B 95 -17.81 7.71 -12.82
C PHE B 95 -18.23 7.42 -14.26
N THR B 96 -19.53 7.37 -14.48
CA THR B 96 -20.06 7.11 -15.82
C THR B 96 -19.77 8.29 -16.73
N GLY B 97 -19.20 9.34 -16.16
CA GLY B 97 -18.75 10.50 -16.92
C GLY B 97 -17.42 10.22 -17.58
N LEU B 98 -16.51 9.58 -16.85
CA LEU B 98 -15.20 9.19 -17.38
C LEU B 98 -15.38 8.37 -18.64
N THR B 99 -14.35 8.33 -19.48
CA THR B 99 -14.37 7.52 -20.69
C THR B 99 -14.47 6.04 -20.34
N ILE B 100 -15.05 5.25 -21.23
CA ILE B 100 -15.14 3.81 -21.00
C ILE B 100 -13.77 3.21 -20.71
N ALA B 101 -12.74 3.76 -21.34
CA ALA B 101 -11.37 3.29 -21.14
C ALA B 101 -10.90 3.54 -19.72
N ASP B 102 -11.15 4.75 -19.21
CA ASP B 102 -10.76 5.11 -17.85
C ASP B 102 -11.54 4.31 -16.82
N GLN B 103 -12.84 4.16 -17.04
CA GLN B 103 -13.68 3.37 -16.15
C GLN B 103 -13.09 1.96 -15.98
N ILE B 104 -12.67 1.38 -17.10
CA ILE B 104 -12.06 0.06 -17.08
C ILE B 104 -10.72 0.09 -16.37
N THR B 105 -9.93 1.14 -16.64
CA THR B 105 -8.61 1.29 -16.03
C THR B 105 -8.70 1.42 -14.52
N LEU B 106 -9.66 2.21 -14.04
CA LEU B 106 -9.83 2.41 -12.61
C LEU B 106 -10.27 1.11 -11.93
N LEU B 107 -11.24 0.43 -12.55
CA LEU B 107 -11.75 -0.82 -12.00
C LEU B 107 -10.69 -1.91 -11.92
N LYS B 108 -9.95 -2.10 -13.02
CA LYS B 108 -8.94 -3.16 -13.07
C LYS B 108 -7.86 -2.97 -12.00
N ALA B 109 -7.53 -1.73 -11.70
CA ALA B 109 -6.43 -1.44 -10.76
C ALA B 109 -6.87 -1.56 -9.31
N ALA B 110 -8.15 -1.29 -9.05
CA ALA B 110 -8.64 -1.22 -7.68
C ALA B 110 -9.57 -2.37 -7.31
N CYS B 111 -9.82 -3.27 -8.27
CA CYS B 111 -10.77 -4.35 -8.05
C CYS B 111 -10.37 -5.25 -6.89
N LEU B 112 -9.12 -5.67 -6.87
CA LEU B 112 -8.64 -6.58 -5.83
C LEU B 112 -8.63 -5.90 -4.47
N ASP B 113 -8.21 -4.64 -4.44
CA ASP B 113 -8.23 -3.85 -3.21
C ASP B 113 -9.61 -3.92 -2.57
N ILE B 114 -10.64 -3.77 -3.38
CA ILE B 114 -12.02 -3.73 -2.88
C ILE B 114 -12.53 -5.12 -2.50
N LEU B 115 -12.16 -6.13 -3.29
CA LEU B 115 -12.49 -7.51 -2.96
C LEU B 115 -11.96 -7.83 -1.56
N ILE B 116 -10.73 -7.39 -1.29
CA ILE B 116 -10.12 -7.59 0.02
C ILE B 116 -10.87 -6.83 1.11
N LEU B 117 -11.10 -5.55 0.85
CA LEU B 117 -11.80 -4.70 1.81
C LEU B 117 -13.15 -5.28 2.19
N ARG B 118 -13.89 -5.76 1.18
CA ARG B 118 -15.24 -6.28 1.41
C ARG B 118 -15.28 -7.53 2.29
N ILE B 119 -14.51 -8.55 1.92
CA ILE B 119 -14.50 -9.80 2.66
C ILE B 119 -13.97 -9.61 4.07
N CYS B 120 -13.16 -8.57 4.27
CA CYS B 120 -12.57 -8.30 5.58
C CYS B 120 -13.53 -7.56 6.50
N THR B 121 -14.55 -6.91 5.93
CA THR B 121 -15.57 -6.27 6.74
C THR B 121 -16.68 -7.27 7.09
N ARG B 122 -16.53 -8.50 6.63
CA ARG B 122 -17.45 -9.59 6.95
C ARG B 122 -16.76 -10.57 7.88
N TYR B 123 -15.85 -10.07 8.69
CA TYR B 123 -15.10 -10.91 9.61
C TYR B 123 -15.76 -10.96 10.98
N THR B 124 -16.02 -12.17 11.46
CA THR B 124 -16.59 -12.37 12.79
C THR B 124 -15.48 -12.85 13.71
N PRO B 125 -14.95 -11.94 14.54
CA PRO B 125 -13.74 -12.17 15.34
C PRO B 125 -13.83 -13.33 16.33
N GLU B 126 -15.02 -13.60 16.86
CA GLU B 126 -15.21 -14.64 17.86
CA GLU B 126 -15.16 -14.65 17.86
C GLU B 126 -15.04 -16.04 17.27
N GLN B 127 -15.70 -16.28 16.14
CA GLN B 127 -15.60 -17.57 15.46
C GLN B 127 -14.41 -17.58 14.49
N ASP B 128 -13.79 -16.42 14.31
CA ASP B 128 -12.67 -16.27 13.39
C ASP B 128 -13.08 -16.76 12.00
N THR B 129 -14.13 -16.14 11.46
CA THR B 129 -14.67 -16.57 10.17
C THR B 129 -14.91 -15.37 9.26
N MET B 130 -15.21 -15.65 8.00
CA MET B 130 -15.58 -14.61 7.05
C MET B 130 -16.86 -15.02 6.33
N THR B 131 -17.69 -14.03 6.00
CA THR B 131 -19.00 -14.32 5.45
C THR B 131 -19.23 -13.69 4.08
N PHE B 132 -19.63 -14.52 3.13
CA PHE B 132 -19.90 -14.06 1.78
C PHE B 132 -21.34 -13.58 1.64
N SER B 133 -21.68 -13.00 0.48
CA SER B 133 -22.97 -12.35 0.30
C SER B 133 -24.15 -13.32 0.22
N ASP B 134 -23.87 -14.62 0.20
CA ASP B 134 -24.92 -15.63 0.20
C ASP B 134 -25.12 -16.19 1.59
N GLY B 135 -24.31 -15.71 2.54
CA GLY B 135 -24.39 -16.16 3.91
C GLY B 135 -23.34 -17.22 4.23
N LEU B 136 -22.73 -17.79 3.19
CA LEU B 136 -21.70 -18.79 3.38
C LEU B 136 -20.62 -18.28 4.34
N THR B 137 -20.35 -19.05 5.38
CA THR B 137 -19.42 -18.63 6.42
C THR B 137 -18.31 -19.67 6.60
N LEU B 138 -17.08 -19.26 6.30
CA LEU B 138 -15.93 -20.14 6.37
C LEU B 138 -14.99 -19.69 7.48
N ASN B 139 -14.30 -20.65 8.09
CA ASN B 139 -13.31 -20.32 9.11
C ASN B 139 -11.93 -20.11 8.51
N ARG B 140 -10.97 -19.69 9.33
CA ARG B 140 -9.63 -19.37 8.85
C ARG B 140 -9.05 -20.47 7.98
N THR B 141 -9.22 -21.72 8.40
CA THR B 141 -8.70 -22.86 7.66
C THR B 141 -9.38 -23.00 6.30
N GLN B 142 -10.71 -22.89 6.29
CA GLN B 142 -11.48 -23.04 5.07
C GLN B 142 -11.23 -21.92 4.06
N MET B 143 -10.92 -20.72 4.56
CA MET B 143 -10.59 -19.60 3.69
C MET B 143 -9.26 -19.87 3.00
N HIS B 144 -8.32 -20.41 3.77
CA HIS B 144 -7.05 -20.85 3.21
C HIS B 144 -7.28 -21.87 2.10
N ASN B 145 -8.02 -22.93 2.44
CA ASN B 145 -8.29 -24.03 1.52
C ASN B 145 -9.11 -23.61 0.31
N ALA B 146 -9.82 -22.50 0.43
CA ALA B 146 -10.69 -22.02 -0.64
C ALA B 146 -9.92 -21.25 -1.70
N GLY B 147 -8.75 -20.74 -1.33
CA GLY B 147 -7.90 -20.04 -2.29
C GLY B 147 -6.95 -19.01 -1.71
N PHE B 148 -7.12 -18.68 -0.42
CA PHE B 148 -6.27 -17.68 0.21
C PHE B 148 -4.81 -18.13 0.33
N GLY B 149 -4.61 -19.44 0.48
CA GLY B 149 -3.27 -20.00 0.55
C GLY B 149 -2.39 -19.31 1.57
N PRO B 150 -1.14 -19.01 1.20
CA PRO B 150 -0.18 -18.41 2.12
C PRO B 150 -0.49 -16.96 2.49
N LEU B 151 -1.57 -16.41 1.92
CA LEU B 151 -1.97 -15.05 2.25
C LEU B 151 -3.06 -15.01 3.33
N THR B 152 -3.43 -16.19 3.84
CA THR B 152 -4.50 -16.29 4.83
C THR B 152 -4.27 -15.44 6.08
N ASP B 153 -3.27 -15.82 6.88
CA ASP B 153 -3.00 -15.14 8.14
C ASP B 153 -2.81 -13.64 7.96
N LEU B 154 -2.26 -13.25 6.81
CA LEU B 154 -1.98 -11.86 6.50
C LEU B 154 -3.26 -11.06 6.31
N VAL B 155 -4.21 -11.64 5.59
CA VAL B 155 -5.50 -11.02 5.34
C VAL B 155 -6.35 -11.00 6.60
N PHE B 156 -6.25 -12.07 7.40
CA PHE B 156 -6.96 -12.16 8.66
C PHE B 156 -6.41 -11.15 9.67
N THR B 157 -5.10 -10.95 9.66
CA THR B 157 -4.49 -9.92 10.48
C THR B 157 -5.08 -8.56 10.13
N PHE B 158 -5.15 -8.28 8.83
CA PHE B 158 -5.73 -7.03 8.35
C PHE B 158 -7.18 -6.87 8.83
N ALA B 159 -7.94 -7.95 8.79
CA ALA B 159 -9.33 -7.93 9.24
C ALA B 159 -9.43 -7.47 10.69
N ASN B 160 -8.65 -8.11 11.55
CA ASN B 160 -8.60 -7.76 12.97
C ASN B 160 -8.15 -6.32 13.21
N GLN B 161 -7.42 -5.75 12.26
CA GLN B 161 -6.92 -4.39 12.40
C GLN B 161 -7.99 -3.36 12.05
N LEU B 162 -9.01 -3.79 11.33
CA LEU B 162 -10.14 -2.93 11.00
C LEU B 162 -11.11 -2.79 12.17
N LEU B 163 -11.26 -3.84 12.95
CA LEU B 163 -12.23 -3.86 14.05
C LEU B 163 -12.17 -2.64 14.96
N PRO B 164 -10.99 -2.36 15.55
CA PRO B 164 -10.87 -1.21 16.45
C PRO B 164 -11.31 0.11 15.82
N LEU B 165 -11.26 0.18 14.48
CA LEU B 165 -11.68 1.37 13.75
C LEU B 165 -13.20 1.53 13.76
N GLU B 166 -13.91 0.42 13.99
CA GLU B 166 -15.37 0.43 14.03
C GLU B 166 -16.01 1.12 12.82
N MET B 167 -15.48 0.86 11.63
CA MET B 167 -16.03 1.43 10.41
C MET B 167 -17.46 0.97 10.16
N ASP B 168 -18.28 1.86 9.61
CA ASP B 168 -19.64 1.52 9.23
C ASP B 168 -19.76 1.48 7.72
N ASP B 169 -20.99 1.29 7.23
CA ASP B 169 -21.23 1.21 5.79
C ASP B 169 -20.82 2.48 5.08
N THR B 170 -21.01 3.62 5.74
CA THR B 170 -20.68 4.91 5.14
C THR B 170 -19.17 5.08 4.91
N GLU B 171 -18.38 4.72 5.92
CA GLU B 171 -16.93 4.83 5.83
C GLU B 171 -16.34 3.80 4.86
N THR B 172 -16.91 2.60 4.86
CA THR B 172 -16.44 1.54 3.96
C THR B 172 -16.72 1.89 2.50
N GLY B 173 -17.87 2.55 2.27
CA GLY B 173 -18.23 2.96 0.93
C GLY B 173 -17.32 4.06 0.42
N LEU B 174 -17.06 5.05 1.26
CA LEU B 174 -16.18 6.15 0.89
C LEU B 174 -14.75 5.67 0.65
N LEU B 175 -14.26 4.80 1.51
CA LEU B 175 -12.91 4.27 1.38
C LEU B 175 -12.78 3.51 0.07
N SER B 176 -13.82 2.77 -0.28
CA SER B 176 -13.85 2.01 -1.53
C SER B 176 -13.87 2.95 -2.72
N ALA B 177 -14.68 4.01 -2.61
CA ALA B 177 -14.78 5.00 -3.68
C ALA B 177 -13.46 5.76 -3.86
N ILE B 178 -12.79 6.04 -2.75
CA ILE B 178 -11.51 6.73 -2.80
C ILE B 178 -10.46 5.83 -3.46
N CYS B 179 -10.56 4.53 -3.19
CA CYS B 179 -9.64 3.56 -3.78
CA CYS B 179 -9.67 3.54 -3.77
C CYS B 179 -9.81 3.48 -5.29
N LEU B 180 -11.05 3.36 -5.74
CA LEU B 180 -11.34 3.25 -7.16
C LEU B 180 -11.02 4.54 -7.91
N ILE B 181 -11.58 5.65 -7.43
CA ILE B 181 -11.41 6.93 -8.08
C ILE B 181 -10.06 7.54 -7.76
N CYS B 182 -9.05 7.11 -8.51
CA CYS B 182 -7.66 7.48 -8.26
C CYS B 182 -6.98 7.89 -9.57
N GLY B 183 -6.50 9.12 -9.62
CA GLY B 183 -5.95 9.68 -10.84
C GLY B 183 -4.50 9.34 -11.13
N ASP B 184 -3.91 8.44 -10.35
CA ASP B 184 -2.51 8.07 -10.53
C ASP B 184 -2.34 6.81 -11.39
N ARG B 185 -3.44 6.10 -11.62
CA ARG B 185 -3.39 4.85 -12.36
C ARG B 185 -2.74 5.01 -13.73
N GLN B 186 -1.91 4.04 -14.11
CA GLN B 186 -1.25 4.08 -15.40
C GLN B 186 -2.25 3.94 -16.54
N ASP B 187 -2.05 4.72 -17.60
CA ASP B 187 -2.87 4.64 -18.81
C ASP B 187 -4.20 5.40 -18.73
N LEU B 188 -4.37 6.24 -17.70
CA LEU B 188 -5.56 7.07 -17.62
C LEU B 188 -5.55 8.15 -18.69
N GLU B 189 -6.62 8.24 -19.45
CA GLU B 189 -6.73 9.22 -20.53
C GLU B 189 -6.96 10.62 -19.97
N GLU B 190 -7.86 10.72 -18.98
CA GLU B 190 -8.17 11.99 -18.35
C GLU B 190 -7.94 11.91 -16.84
N PRO B 191 -6.69 11.66 -16.43
CA PRO B 191 -6.35 11.45 -15.02
C PRO B 191 -6.70 12.66 -14.16
N THR B 192 -6.61 13.84 -14.76
CA THR B 192 -6.91 15.08 -14.04
C THR B 192 -8.41 15.19 -13.77
N LYS B 193 -9.21 14.64 -14.68
CA LYS B 193 -10.66 14.58 -14.51
C LYS B 193 -11.01 13.65 -13.34
N VAL B 194 -10.24 12.58 -13.20
CA VAL B 194 -10.43 11.64 -12.10
C VAL B 194 -10.06 12.28 -10.77
N ASP B 195 -8.95 13.01 -10.76
CA ASP B 195 -8.52 13.75 -9.58
C ASP B 195 -9.67 14.60 -9.05
N LYS B 196 -10.32 15.32 -9.97
CA LYS B 196 -11.42 16.21 -9.61
C LYS B 196 -12.53 15.46 -8.88
N LEU B 197 -12.85 14.26 -9.35
CA LEU B 197 -13.91 13.46 -8.74
C LEU B 197 -13.51 12.90 -7.39
N GLN B 198 -12.22 12.71 -7.18
CA GLN B 198 -11.72 12.07 -5.96
C GLN B 198 -11.73 12.99 -4.74
N GLU B 199 -11.32 14.24 -4.92
CA GLU B 199 -11.13 15.14 -3.77
C GLU B 199 -12.39 15.39 -2.91
N PRO B 200 -13.57 15.50 -3.53
CA PRO B 200 -14.75 15.65 -2.68
C PRO B 200 -14.99 14.41 -1.82
N LEU B 201 -14.57 13.26 -2.32
CA LEU B 201 -14.66 12.01 -1.55
C LEU B 201 -13.77 12.05 -0.32
N LEU B 202 -12.57 12.62 -0.48
CA LEU B 202 -11.65 12.77 0.64
C LEU B 202 -12.22 13.71 1.69
N GLU B 203 -12.72 14.86 1.23
CA GLU B 203 -13.35 15.83 2.14
C GLU B 203 -14.56 15.21 2.83
N ALA B 204 -15.35 14.47 2.06
CA ALA B 204 -16.53 13.80 2.59
C ALA B 204 -16.16 12.87 3.74
N LEU B 205 -15.10 12.09 3.54
CA LEU B 205 -14.65 11.16 4.57
C LEU B 205 -14.12 11.91 5.78
N LYS B 206 -13.27 12.90 5.53
CA LYS B 206 -12.64 13.67 6.60
C LYS B 206 -13.70 14.26 7.54
N ILE B 207 -14.81 14.70 6.97
CA ILE B 207 -15.87 15.35 7.73
C ILE B 207 -16.76 14.35 8.46
N TYR B 208 -17.19 13.32 7.73
CA TYR B 208 -18.06 12.30 8.31
C TYR B 208 -17.41 11.67 9.54
N ILE B 209 -16.12 11.39 9.44
CA ILE B 209 -15.36 10.85 10.57
C ILE B 209 -15.37 11.83 11.73
N ARG B 210 -15.36 13.11 11.40
CA ARG B 210 -15.31 14.16 12.42
C ARG B 210 -16.60 14.25 13.23
N LYS B 211 -17.74 14.26 12.53
CA LYS B 211 -19.04 14.32 13.21
C LYS B 211 -19.28 13.04 13.99
N ARG B 212 -18.91 11.92 13.39
CA ARG B 212 -19.13 10.62 13.99
C ARG B 212 -18.21 10.42 15.19
N ARG B 213 -16.91 10.60 14.96
CA ARG B 213 -15.93 10.58 16.04
C ARG B 213 -15.46 12.01 16.31
N PRO B 214 -16.20 12.72 17.18
CA PRO B 214 -16.00 14.15 17.44
C PRO B 214 -14.56 14.50 17.80
N SER B 215 -14.25 14.51 19.10
CA SER B 215 -12.92 14.87 19.57
C SER B 215 -12.02 13.65 19.75
N LYS B 216 -12.25 12.63 18.94
CA LYS B 216 -11.43 11.42 18.96
C LYS B 216 -10.76 11.26 17.61
N PRO B 217 -9.86 12.19 17.26
CA PRO B 217 -9.28 12.26 15.92
C PRO B 217 -8.04 11.38 15.76
N HIS B 218 -7.18 11.76 14.81
CA HIS B 218 -6.12 10.89 14.32
C HIS B 218 -6.74 9.80 13.48
N MET B 219 -8.07 9.80 13.43
CA MET B 219 -8.82 8.72 12.82
C MET B 219 -8.90 8.84 11.30
N PHE B 220 -8.95 10.07 10.80
CA PHE B 220 -8.99 10.30 9.36
C PHE B 220 -7.76 9.74 8.65
N PRO B 221 -6.56 10.12 9.09
CA PRO B 221 -5.36 9.55 8.45
C PRO B 221 -5.21 8.07 8.76
N LYS B 222 -5.69 7.64 9.93
CA LYS B 222 -5.61 6.23 10.33
C LYS B 222 -6.45 5.35 9.41
N ILE B 223 -7.64 5.83 9.05
CA ILE B 223 -8.51 5.10 8.15
C ILE B 223 -8.01 5.20 6.72
N LEU B 224 -7.57 6.39 6.34
CA LEU B 224 -7.07 6.62 4.99
C LEU B 224 -5.89 5.71 4.68
N MET B 225 -5.03 5.50 5.67
CA MET B 225 -3.84 4.68 5.50
C MET B 225 -4.15 3.19 5.34
N LYS B 226 -5.41 2.81 5.52
CA LYS B 226 -5.80 1.43 5.31
C LYS B 226 -5.73 1.07 3.83
N ILE B 227 -5.86 2.08 2.98
CA ILE B 227 -5.69 1.90 1.55
C ILE B 227 -4.26 1.43 1.27
N THR B 228 -3.33 1.95 2.06
CA THR B 228 -1.94 1.52 2.02
C THR B 228 -1.82 0.03 2.28
N ASP B 229 -2.57 -0.46 3.28
CA ASP B 229 -2.57 -1.87 3.63
C ASP B 229 -3.19 -2.72 2.54
N LEU B 230 -4.28 -2.23 1.96
CA LEU B 230 -4.96 -2.96 0.89
C LEU B 230 -4.06 -3.11 -0.31
N ARG B 231 -3.39 -2.02 -0.68
CA ARG B 231 -2.49 -2.01 -1.83
C ARG B 231 -1.42 -3.09 -1.69
N SER B 232 -0.82 -3.17 -0.49
CA SER B 232 0.19 -4.17 -0.22
C SER B 232 -0.36 -5.58 -0.44
N ILE B 233 -1.53 -5.84 0.10
CA ILE B 233 -2.14 -7.16 0.01
C ILE B 233 -2.54 -7.51 -1.43
N SER B 234 -3.15 -6.55 -2.13
CA SER B 234 -3.58 -6.80 -3.51
C SER B 234 -2.39 -7.04 -4.44
N ALA B 235 -1.24 -6.48 -4.09
CA ALA B 235 -0.03 -6.69 -4.89
C ALA B 235 0.42 -8.15 -4.79
N LYS B 236 0.45 -8.67 -3.56
CA LYS B 236 0.76 -10.08 -3.35
C LYS B 236 -0.38 -10.93 -3.89
N GLY B 237 -1.60 -10.40 -3.81
CA GLY B 237 -2.77 -11.09 -4.28
C GLY B 237 -2.71 -11.41 -5.77
N ALA B 238 -2.14 -10.48 -6.53
CA ALA B 238 -2.01 -10.66 -7.98
C ALA B 238 -1.20 -11.90 -8.30
N GLU B 239 -0.18 -12.17 -7.49
CA GLU B 239 0.65 -13.35 -7.69
CA GLU B 239 0.66 -13.35 -7.67
C GLU B 239 -0.05 -14.62 -7.22
N ARG B 240 -0.87 -14.49 -6.18
CA ARG B 240 -1.65 -15.61 -5.69
C ARG B 240 -2.63 -16.09 -6.76
N VAL B 241 -3.23 -15.14 -7.48
CA VAL B 241 -4.15 -15.45 -8.57
C VAL B 241 -3.46 -16.23 -9.69
N ILE B 242 -2.20 -15.87 -9.96
CA ILE B 242 -1.42 -16.53 -11.00
C ILE B 242 -1.11 -17.96 -10.60
N THR B 243 -0.73 -18.15 -9.34
CA THR B 243 -0.45 -19.49 -8.80
C THR B 243 -1.72 -20.34 -8.75
N LEU B 244 -2.86 -19.69 -8.53
CA LEU B 244 -4.13 -20.40 -8.53
C LEU B 244 -4.50 -20.81 -9.95
N LYS B 245 -4.29 -19.90 -10.89
CA LYS B 245 -4.53 -20.16 -12.30
C LYS B 245 -3.81 -21.43 -12.74
N MET B 246 -2.66 -21.68 -12.13
CA MET B 246 -1.83 -22.84 -12.45
C MET B 246 -2.25 -24.07 -11.65
N GLU B 247 -3.07 -23.84 -10.63
CA GLU B 247 -3.41 -24.90 -9.68
C GLU B 247 -4.79 -25.51 -9.99
N ILE B 248 -5.73 -24.68 -10.39
CA ILE B 248 -7.10 -25.13 -10.63
C ILE B 248 -7.25 -25.92 -11.93
N PRO B 249 -8.16 -26.89 -11.94
CA PRO B 249 -8.37 -27.79 -13.08
C PRO B 249 -8.96 -27.08 -14.30
N GLY B 250 -9.93 -26.19 -14.06
CA GLY B 250 -10.55 -25.46 -15.15
C GLY B 250 -9.83 -24.17 -15.47
N SER B 251 -10.55 -23.23 -16.06
CA SER B 251 -10.00 -21.91 -16.34
C SER B 251 -10.41 -20.95 -15.23
N MET B 252 -9.67 -19.86 -15.11
CA MET B 252 -10.03 -18.80 -14.20
C MET B 252 -11.21 -18.04 -14.80
N PRO B 253 -12.32 -17.92 -14.05
CA PRO B 253 -13.51 -17.24 -14.55
C PRO B 253 -13.15 -16.01 -15.38
N PRO B 254 -13.81 -15.83 -16.53
CA PRO B 254 -13.47 -14.81 -17.51
C PRO B 254 -13.46 -13.39 -16.92
N LEU B 255 -14.45 -13.07 -16.12
CA LEU B 255 -14.54 -11.74 -15.53
C LEU B 255 -13.33 -11.50 -14.62
N ILE B 256 -12.87 -12.56 -13.96
CA ILE B 256 -11.70 -12.45 -13.10
C ILE B 256 -10.45 -12.16 -13.92
N GLN B 257 -10.27 -12.89 -15.02
CA GLN B 257 -9.11 -12.68 -15.89
C GLN B 257 -9.08 -11.27 -16.48
N GLU B 258 -10.26 -10.74 -16.82
CA GLU B 258 -10.34 -9.39 -17.37
C GLU B 258 -9.95 -8.32 -16.35
N MET B 259 -10.17 -8.62 -15.07
CA MET B 259 -9.83 -7.68 -14.00
C MET B 259 -8.35 -7.72 -13.64
N MET B 260 -7.69 -8.82 -13.98
CA MET B 260 -6.28 -9.00 -13.63
C MET B 260 -5.35 -8.86 -14.83
N GLU B 261 -5.91 -8.88 -16.03
CA GLU B 261 -5.11 -8.79 -17.26
C GLU B 261 -4.35 -7.47 -17.31
N ARG C 1 -11.44 -4.60 -26.20
CA ARG C 1 -10.54 -5.68 -25.81
C ARG C 1 -11.09 -6.45 -24.61
N HIS C 2 -11.97 -5.80 -23.84
CA HIS C 2 -12.58 -6.43 -22.69
C HIS C 2 -14.07 -6.61 -22.91
N LYS C 3 -14.46 -7.80 -23.38
CA LYS C 3 -15.86 -8.07 -23.71
C LYS C 3 -16.80 -7.83 -22.53
N ILE C 4 -16.51 -8.46 -21.39
CA ILE C 4 -17.42 -8.41 -20.25
C ILE C 4 -17.44 -7.06 -19.55
N LEU C 5 -16.26 -6.63 -19.09
CA LEU C 5 -16.14 -5.35 -18.40
C LEU C 5 -16.81 -4.21 -19.16
N HIS C 6 -16.82 -4.34 -20.49
CA HIS C 6 -17.34 -3.31 -21.38
C HIS C 6 -18.86 -3.40 -21.49
N ARG C 7 -19.37 -4.62 -21.55
CA ARG C 7 -20.81 -4.82 -21.63
C ARG C 7 -21.49 -4.37 -20.34
N LEU C 8 -20.87 -4.67 -19.21
CA LEU C 8 -21.41 -4.29 -17.91
C LEU C 8 -21.40 -2.78 -17.74
N LEU C 9 -20.43 -2.11 -18.36
CA LEU C 9 -20.29 -0.66 -18.25
C LEU C 9 -21.15 0.10 -19.24
N GLN C 10 -21.49 -0.54 -20.34
CA GLN C 10 -22.42 0.04 -21.31
C GLN C 10 -23.82 0.06 -20.70
N GLU C 11 -24.21 -1.06 -20.09
CA GLU C 11 -25.47 -1.17 -19.35
C GLU C 11 -25.76 -2.63 -19.00
N ARG D 1 20.56 -17.45 10.51
CA ARG D 1 20.77 -16.84 11.82
C ARG D 1 21.84 -15.75 11.77
N HIS D 2 21.57 -14.68 11.02
CA HIS D 2 22.53 -13.59 10.89
C HIS D 2 22.71 -12.81 12.18
N LYS D 3 23.88 -12.18 12.33
CA LYS D 3 24.20 -11.40 13.52
C LYS D 3 24.43 -9.92 13.23
N ILE D 4 24.31 -9.51 11.97
CA ILE D 4 24.64 -8.15 11.56
C ILE D 4 23.68 -7.09 12.08
N LEU D 5 22.41 -7.22 11.73
CA LEU D 5 21.40 -6.24 12.10
C LEU D 5 21.36 -5.97 13.60
N HIS D 6 21.51 -7.02 14.41
CA HIS D 6 21.49 -6.85 15.86
C HIS D 6 22.72 -6.07 16.33
N ARG D 7 23.88 -6.42 15.78
CA ARG D 7 25.12 -5.70 16.07
C ARG D 7 25.00 -4.23 15.65
N LEU D 8 24.32 -3.98 14.54
CA LEU D 8 24.09 -2.62 14.07
C LEU D 8 23.15 -1.87 15.02
N LEU D 9 22.15 -2.58 15.53
CA LEU D 9 21.23 -2.01 16.50
C LEU D 9 21.96 -1.55 17.75
N GLN D 10 22.74 -2.46 18.33
CA GLN D 10 23.46 -2.17 19.56
C GLN D 10 24.50 -1.06 19.38
N GLU D 11 24.80 -0.75 18.11
CA GLU D 11 25.70 0.35 17.74
C GLU D 11 27.18 -0.06 17.78
#